data_3VK7
#
_entry.id   3VK7
#
_cell.length_a   39.703
_cell.length_b   121.594
_cell.length_c   81.121
_cell.angle_alpha   90.000
_cell.angle_beta   95.490
_cell.angle_gamma   90.000
#
_symmetry.space_group_name_H-M   'P 1 21 1'
#
loop_
_entity.id
_entity.type
_entity.pdbx_description
1 polymer 'Probable formamidopyrimidine-DNA glycosylase'
2 polymer "DNA (5'-D(*GP*TP*AP*GP*AP*CP*GP*TP*GP*GP*AP*CP*G)-3')"
3 polymer "DNA (5'-D(*CP*GP*TP*CP*CP*AP*(OHU)P*GP*TP*CP*TP*AP*C)-3')"
4 non-polymer 'FORMIC ACID'
5 water water
#
loop_
_entity_poly.entity_id
_entity_poly.type
_entity_poly.pdbx_seq_one_letter_code
_entity_poly.pdbx_strand_id
1 'polypeptide(L)'
;MPQGPEVALTADILEKYFKGKTLEYIDFISGRYSKSEPEGYDDFIANLPLKVSNVDTKGKFLWFELFDPNDKSNKWYIWN
TFGLTGMWSLFEAKYTRAVLSFDNELMAYFSDMRNFGTFKFSNSEKELKRKLNELGPDFLKNDDIDISKIKKYKQPIVAL
LMDQKKIGSGLGNYLVAEILYRAKIDPHKLGSNLTDQEIENLWYWIKYETKLAYDSNHIGYMVNLENESSKIGRKNYHPN
IHPTEKEFDFLVYRKKKDPNGNKVIADKIIGSGKNKRTTYWAPAIQKLEHHHHHH
;
A,B
2 'polydeoxyribonucleotide' (DG)(DT)(DA)(DG)(DA)(DC)(DG)(DT)(DG)(DG)(DA)(DC)(DG) C,E
3 'polydeoxyribonucleotide' (DC)(DG)(DT)(DC)(DC)(DA)(OHU)(DG)(DT)(DC)(DT)(DA)(DC) D,F
#
# COMPACT_ATOMS: atom_id res chain seq x y z
N PRO A 2 -0.66 -1.20 19.75
CA PRO A 2 -0.67 -2.02 20.96
C PRO A 2 0.59 -2.86 21.10
N GLN A 3 0.93 -3.16 22.34
CA GLN A 3 2.14 -3.86 22.64
C GLN A 3 1.84 -5.33 22.86
N GLY A 4 2.85 -6.11 23.22
CA GLY A 4 2.71 -7.53 23.46
C GLY A 4 1.46 -7.93 24.23
N PRO A 5 1.28 -7.40 25.44
CA PRO A 5 0.13 -7.72 26.29
C PRO A 5 -1.22 -7.56 25.59
N GLU A 6 -1.44 -6.46 24.87
CA GLU A 6 -2.71 -6.24 24.18
C GLU A 6 -2.91 -7.17 23.00
N VAL A 7 -1.86 -7.34 22.20
CA VAL A 7 -1.93 -8.28 21.08
C VAL A 7 -2.24 -9.70 21.59
N ALA A 8 -1.63 -10.10 22.69
CA ALA A 8 -1.86 -11.44 23.24
C ALA A 8 -3.28 -11.62 23.74
N LEU A 9 -3.81 -10.62 24.44
CA LEU A 9 -5.18 -10.68 24.94
C LEU A 9 -6.14 -10.70 23.77
N THR A 10 -5.81 -9.93 22.73
CA THR A 10 -6.64 -9.89 21.53
C THR A 10 -6.74 -11.26 20.88
N ALA A 11 -5.61 -11.93 20.73
CA ALA A 11 -5.57 -13.27 20.16
C ALA A 11 -6.36 -14.27 21.02
N ASP A 12 -6.25 -14.13 22.34
CA ASP A 12 -7.06 -14.95 23.25
C ASP A 12 -8.55 -14.78 22.96
N ILE A 13 -8.96 -13.54 22.75
CA ILE A 13 -10.37 -13.26 22.47
C ILE A 13 -10.77 -13.79 21.09
N LEU A 14 -9.96 -13.53 20.07
CA LEU A 14 -10.25 -14.05 18.73
C LEU A 14 -10.35 -15.59 18.73
N GLU A 15 -9.50 -16.25 19.50
CA GLU A 15 -9.57 -17.70 19.64
C GLU A 15 -10.87 -18.16 20.27
N LYS A 16 -11.22 -17.55 21.41
CA LYS A 16 -12.46 -17.88 22.10
C LYS A 16 -13.64 -17.87 21.14
N TYR A 17 -13.73 -16.83 20.32
CA TYR A 17 -14.90 -16.65 19.46
C TYR A 17 -14.83 -17.27 18.06
N PHE A 18 -13.62 -17.53 17.57
CA PHE A 18 -13.47 -17.91 16.16
C PHE A 18 -12.71 -19.21 15.88
N LYS A 19 -12.08 -19.79 16.89
CA LYS A 19 -11.42 -21.07 16.68
C LYS A 19 -12.49 -22.11 16.37
N GLY A 20 -12.25 -22.92 15.34
CA GLY A 20 -13.22 -23.91 14.93
C GLY A 20 -14.32 -23.37 14.02
N LYS A 21 -14.33 -22.06 13.80
CA LYS A 21 -15.32 -21.47 12.89
C LYS A 21 -14.77 -21.41 11.47
N THR A 22 -15.67 -21.29 10.50
CA THR A 22 -15.26 -21.29 9.10
C THR A 22 -15.30 -19.89 8.50
N LEU A 23 -14.13 -19.42 8.07
CA LEU A 23 -14.04 -18.12 7.42
C LEU A 23 -14.52 -18.22 5.97
N GLU A 24 -15.49 -17.39 5.62
CA GLU A 24 -16.09 -17.47 4.29
C GLU A 24 -15.66 -16.33 3.38
N TYR A 25 -15.43 -15.16 3.96
CA TYR A 25 -14.85 -14.06 3.20
C TYR A 25 -14.13 -13.07 4.09
N ILE A 26 -13.18 -12.35 3.49
CA ILE A 26 -12.55 -11.21 4.13
C ILE A 26 -12.62 -10.07 3.16
N ASP A 27 -13.13 -8.93 3.62
CA ASP A 27 -13.32 -7.77 2.78
C ASP A 27 -12.54 -6.57 3.34
N PHE A 28 -11.75 -5.94 2.49
CA PHE A 28 -11.09 -4.72 2.90
C PHE A 28 -11.88 -3.53 2.38
N ILE A 29 -12.68 -2.96 3.27
CA ILE A 29 -13.71 -2.00 2.89
C ILE A 29 -13.20 -0.56 2.84
N SER A 30 -12.06 -0.30 3.47
CA SER A 30 -11.43 1.02 3.42
C SER A 30 -9.99 0.93 3.88
N GLY A 31 -9.30 2.07 3.88
CA GLY A 31 -7.91 2.11 4.27
C GLY A 31 -6.97 1.70 3.16
N ARG A 32 -5.73 1.37 3.53
CA ARG A 32 -4.69 1.08 2.55
C ARG A 32 -5.05 -0.07 1.61
N TYR A 33 -5.73 -1.08 2.15
CA TYR A 33 -6.00 -2.28 1.36
C TYR A 33 -7.27 -2.19 0.52
N SER A 34 -7.95 -1.06 0.58
CA SER A 34 -9.02 -0.80 -0.37
C SER A 34 -8.40 -0.21 -1.63
N LYS A 35 -7.20 0.36 -1.49
CA LYS A 35 -6.50 0.98 -2.61
C LYS A 35 -5.51 0.03 -3.27
N SER A 36 -5.04 -0.96 -2.53
CA SER A 36 -4.12 -1.96 -3.05
C SER A 36 -4.23 -3.28 -2.28
N GLU A 37 -4.27 -4.39 -3.01
CA GLU A 37 -4.41 -5.72 -2.42
C GLU A 37 -3.24 -6.08 -1.51
N PRO A 38 -3.54 -6.68 -0.35
CA PRO A 38 -2.46 -7.18 0.52
C PRO A 38 -1.73 -8.31 -0.19
N GLU A 39 -0.46 -8.52 0.14
CA GLU A 39 0.30 -9.63 -0.40
C GLU A 39 -0.44 -10.95 -0.21
N GLY A 40 -0.66 -11.69 -1.29
CA GLY A 40 -1.25 -13.01 -1.24
C GLY A 40 -2.76 -13.06 -1.16
N TYR A 41 -3.41 -11.91 -1.23
CA TYR A 41 -4.86 -11.82 -1.07
C TYR A 41 -5.65 -12.65 -2.09
N ASP A 42 -5.32 -12.51 -3.37
CA ASP A 42 -6.08 -13.17 -4.41
C ASP A 42 -6.02 -14.68 -4.28
N ASP A 43 -4.83 -15.20 -3.99
CA ASP A 43 -4.64 -16.65 -3.83
C ASP A 43 -5.39 -17.18 -2.60
N PHE A 44 -5.37 -16.41 -1.52
CA PHE A 44 -6.08 -16.80 -0.30
C PHE A 44 -7.59 -16.84 -0.54
N ILE A 45 -8.12 -15.79 -1.15
CA ILE A 45 -9.56 -15.69 -1.42
C ILE A 45 -10.03 -16.85 -2.30
N ALA A 46 -9.20 -17.22 -3.25
CA ALA A 46 -9.51 -18.33 -4.14
C ALA A 46 -9.64 -19.67 -3.38
N ASN A 47 -9.16 -19.70 -2.14
CA ASN A 47 -9.16 -20.93 -1.35
C ASN A 47 -10.16 -20.95 -0.21
N LEU A 48 -10.91 -19.87 -0.05
CA LEU A 48 -11.99 -19.84 0.93
C LEU A 48 -13.14 -20.72 0.45
N PRO A 49 -13.90 -21.32 1.38
CA PRO A 49 -13.85 -21.13 2.83
C PRO A 49 -12.77 -21.98 3.49
N LEU A 50 -12.30 -21.54 4.65
CA LEU A 50 -11.29 -22.28 5.40
C LEU A 50 -11.62 -22.24 6.88
N LYS A 51 -11.31 -23.32 7.59
CA LYS A 51 -11.56 -23.42 9.02
C LYS A 51 -10.38 -22.86 9.83
N VAL A 52 -10.68 -22.06 10.85
CA VAL A 52 -9.65 -21.52 11.75
C VAL A 52 -9.23 -22.57 12.77
N SER A 53 -7.94 -22.93 12.77
CA SER A 53 -7.42 -23.89 13.72
C SER A 53 -6.82 -23.19 14.95
N ASN A 54 -6.26 -22.01 14.74
CA ASN A 54 -5.91 -21.15 15.87
C ASN A 54 -5.53 -19.72 15.50
N VAL A 55 -5.34 -18.93 16.54
CA VAL A 55 -4.89 -17.55 16.44
C VAL A 55 -3.79 -17.43 17.49
N ASP A 56 -2.61 -17.01 17.08
CA ASP A 56 -1.49 -16.97 18.02
C ASP A 56 -0.70 -15.68 17.88
N THR A 57 0.19 -15.43 18.83
CA THR A 57 1.00 -14.22 18.79
C THR A 57 2.42 -14.48 19.27
N LYS A 58 3.33 -13.64 18.81
CA LYS A 58 4.68 -13.57 19.35
CA LYS A 58 4.68 -13.57 19.33
C LYS A 58 5.06 -12.10 19.34
N GLY A 59 5.29 -11.55 20.53
CA GLY A 59 5.51 -10.12 20.64
C GLY A 59 4.30 -9.36 20.13
N LYS A 60 4.51 -8.45 19.19
CA LYS A 60 3.42 -7.63 18.67
C LYS A 60 2.84 -8.20 17.38
N PHE A 61 3.32 -9.37 16.99
CA PHE A 61 2.90 -10.00 15.74
C PHE A 61 1.81 -11.05 15.98
N LEU A 62 0.72 -10.95 15.23
CA LEU A 62 -0.41 -11.87 15.36
C LEU A 62 -0.66 -12.63 14.07
N TRP A 63 -1.06 -13.89 14.18
CA TRP A 63 -1.41 -14.64 12.98
C TRP A 63 -2.54 -15.64 13.19
N PHE A 64 -3.32 -15.85 12.13
CA PHE A 64 -4.35 -16.87 12.11
C PHE A 64 -3.79 -18.09 11.38
N GLU A 65 -4.15 -19.28 11.85
CA GLU A 65 -3.87 -20.49 11.09
C GLU A 65 -5.18 -21.13 10.63
N LEU A 66 -5.28 -21.44 9.35
CA LEU A 66 -6.50 -21.98 8.77
C LEU A 66 -6.21 -23.19 7.89
N PHE A 67 -7.24 -23.97 7.62
CA PHE A 67 -7.08 -25.18 6.82
C PHE A 67 -8.42 -25.61 6.25
N ASP A 68 -8.38 -26.52 5.28
CA ASP A 68 -9.59 -27.13 4.75
C ASP A 68 -9.67 -28.54 5.32
N PRO A 69 -10.76 -28.84 6.04
CA PRO A 69 -10.95 -30.16 6.64
C PRO A 69 -10.74 -31.32 5.66
N ASN A 70 -11.01 -31.07 4.38
CA ASN A 70 -10.89 -32.11 3.36
C ASN A 70 -9.50 -32.16 2.73
N ASP A 71 -8.59 -31.35 3.26
CA ASP A 71 -7.18 -31.37 2.88
C ASP A 71 -6.37 -30.76 4.02
N LYS A 72 -6.49 -31.38 5.19
CA LYS A 72 -5.99 -30.84 6.45
C LYS A 72 -4.50 -30.48 6.47
N SER A 73 -3.75 -30.98 5.49
CA SER A 73 -2.32 -30.73 5.46
C SER A 73 -1.97 -29.36 4.87
N ASN A 74 -2.79 -28.88 3.93
CA ASN A 74 -2.54 -27.59 3.31
C ASN A 74 -3.01 -26.43 4.18
N LYS A 75 -2.06 -25.78 4.85
CA LYS A 75 -2.37 -24.74 5.81
C LYS A 75 -2.25 -23.34 5.23
N TRP A 76 -3.09 -22.43 5.71
CA TRP A 76 -3.05 -21.04 5.30
C TRP A 76 -2.87 -20.14 6.51
N TYR A 77 -2.23 -19.01 6.30
CA TYR A 77 -1.95 -18.09 7.39
C TYR A 77 -2.34 -16.66 7.04
N ILE A 78 -2.91 -15.97 8.02
CA ILE A 78 -3.10 -14.53 7.95
C ILE A 78 -2.10 -13.86 8.89
N TRP A 79 -1.20 -13.06 8.32
CA TRP A 79 -0.25 -12.28 9.11
C TRP A 79 -0.87 -10.93 9.42
N ASN A 80 -0.74 -10.49 10.65
CA ASN A 80 -1.35 -9.23 11.05
C ASN A 80 -0.43 -8.49 12.00
N THR A 81 -0.17 -7.22 11.69
CA THR A 81 0.48 -6.33 12.64
C THR A 81 -0.46 -5.16 12.89
N PHE A 82 -0.44 -4.62 14.10
CA PHE A 82 -1.44 -3.62 14.51
C PHE A 82 -1.00 -2.20 14.23
N GLY A 83 0.30 -1.99 14.09
CA GLY A 83 0.82 -0.63 13.96
C GLY A 83 0.50 0.15 15.22
N LEU A 84 0.23 1.45 15.07
CA LEU A 84 -0.04 2.32 16.22
C LEU A 84 -1.50 2.32 16.69
N THR A 85 -2.44 2.10 15.78
CA THR A 85 -3.86 2.24 16.13
C THR A 85 -4.73 1.04 15.76
N GLY A 86 -4.10 -0.06 15.37
CA GLY A 86 -4.83 -1.27 15.01
C GLY A 86 -5.62 -1.84 16.17
N MET A 87 -6.84 -2.30 15.89
CA MET A 87 -7.72 -2.83 16.92
C MET A 87 -8.72 -3.81 16.31
N TRP A 88 -8.90 -4.96 16.95
CA TRP A 88 -9.93 -5.91 16.54
C TRP A 88 -11.18 -5.69 17.39
N SER A 89 -12.32 -6.15 16.89
CA SER A 89 -13.57 -6.06 17.65
C SER A 89 -14.66 -6.95 17.05
N LEU A 90 -15.69 -7.18 17.84
CA LEU A 90 -16.80 -8.03 17.44
C LEU A 90 -17.90 -7.20 16.78
N PHE A 91 -17.72 -5.88 16.75
CA PHE A 91 -18.67 -4.99 16.10
C PHE A 91 -17.94 -4.02 15.19
N GLU A 92 -18.65 -3.51 14.18
CA GLU A 92 -18.05 -2.63 13.17
C GLU A 92 -17.82 -1.21 13.68
N ALA A 93 -16.64 -0.97 14.27
CA ALA A 93 -16.34 0.32 14.88
C ALA A 93 -15.92 1.34 13.84
N LYS A 94 -15.79 2.59 14.28
CA LYS A 94 -15.22 3.65 13.47
C LYS A 94 -13.84 3.19 12.96
N TYR A 95 -13.49 3.60 11.75
CA TYR A 95 -12.20 3.25 11.15
C TYR A 95 -12.09 1.75 10.82
N THR A 96 -13.22 1.08 10.59
CA THR A 96 -13.16 -0.33 10.21
C THR A 96 -12.54 -0.49 8.83
N ARG A 97 -11.46 -1.26 8.76
CA ARG A 97 -10.72 -1.45 7.51
C ARG A 97 -10.98 -2.82 6.90
N ALA A 98 -11.00 -3.85 7.74
CA ALA A 98 -11.21 -5.21 7.29
C ALA A 98 -12.40 -5.87 7.97
N VAL A 99 -13.20 -6.60 7.20
CA VAL A 99 -14.34 -7.32 7.72
C VAL A 99 -14.17 -8.80 7.43
N LEU A 100 -14.15 -9.61 8.47
CA LEU A 100 -14.07 -11.05 8.32
C LEU A 100 -15.43 -11.68 8.57
N SER A 101 -15.94 -12.39 7.56
CA SER A 101 -17.26 -13.00 7.63
C SER A 101 -17.16 -14.50 7.80
N PHE A 102 -17.62 -14.99 8.95
CA PHE A 102 -17.58 -16.40 9.26
C PHE A 102 -18.95 -17.01 9.01
N ASP A 103 -19.05 -18.33 9.09
CA ASP A 103 -20.32 -19.00 8.82
C ASP A 103 -21.34 -18.57 9.87
N ASN A 104 -22.61 -18.54 9.47
CA ASN A 104 -23.70 -18.18 10.36
C ASN A 104 -23.68 -16.71 10.78
N GLU A 105 -23.28 -15.85 9.86
CA GLU A 105 -23.39 -14.41 10.06
C GLU A 105 -22.47 -13.87 11.18
N LEU A 106 -21.56 -14.71 11.65
CA LEU A 106 -20.57 -14.27 12.65
C LEU A 106 -19.52 -13.38 11.99
N MET A 107 -19.08 -12.34 12.70
CA MET A 107 -18.20 -11.35 12.09
C MET A 107 -17.07 -10.90 13.01
N ALA A 108 -15.94 -10.55 12.42
CA ALA A 108 -14.82 -9.97 13.14
C ALA A 108 -14.37 -8.77 12.34
N TYR A 109 -14.00 -7.70 13.04
CA TYR A 109 -13.65 -6.44 12.39
C TYR A 109 -12.31 -5.98 12.90
N PHE A 110 -11.47 -5.50 11.99
CA PHE A 110 -10.21 -4.85 12.33
C PHE A 110 -10.33 -3.39 11.95
N SER A 111 -10.07 -2.52 12.92
CA SER A 111 -10.14 -1.07 12.69
C SER A 111 -8.75 -0.46 12.88
N ASP A 112 -8.49 0.64 12.19
CA ASP A 112 -7.14 1.20 12.22
C ASP A 112 -7.11 2.66 11.76
N MET A 113 -7.24 3.58 12.71
CA MET A 113 -7.32 5.00 12.36
C MET A 113 -6.21 5.46 11.41
N ARG A 114 -4.96 5.23 11.77
CA ARG A 114 -3.84 5.77 10.99
C ARG A 114 -3.39 4.89 9.82
N ASN A 115 -3.91 3.68 9.73
CA ASN A 115 -3.60 2.75 8.64
C ASN A 115 -2.17 2.19 8.64
N PHE A 116 -1.55 2.08 9.82
CA PHE A 116 -0.18 1.56 9.88
C PHE A 116 -0.14 0.03 10.08
N GLY A 117 -1.27 -0.55 10.45
CA GLY A 117 -1.38 -1.99 10.60
C GLY A 117 -1.25 -2.67 9.26
N THR A 118 -0.88 -3.95 9.26
CA THR A 118 -0.66 -4.66 8.00
C THR A 118 -1.33 -6.03 7.95
N PHE A 119 -1.64 -6.47 6.74
CA PHE A 119 -2.14 -7.82 6.51
C PHE A 119 -1.31 -8.49 5.42
N LYS A 120 -0.99 -9.76 5.62
CA LYS A 120 -0.36 -10.55 4.58
C LYS A 120 -0.96 -11.94 4.65
N PHE A 121 -1.13 -12.57 3.49
CA PHE A 121 -1.73 -13.89 3.42
C PHE A 121 -0.71 -14.85 2.81
N SER A 122 -0.58 -16.03 3.40
CA SER A 122 0.47 -16.94 2.98
C SER A 122 0.03 -18.38 3.12
N ASN A 123 0.62 -19.23 2.27
CA ASN A 123 0.31 -20.64 2.22
C ASN A 123 1.57 -21.41 2.62
N SER A 124 2.46 -20.77 3.38
CA SER A 124 3.80 -21.30 3.64
C SER A 124 4.16 -21.31 5.12
N GLU A 125 4.15 -22.49 5.72
CA GLU A 125 4.52 -22.61 7.13
C GLU A 125 5.99 -22.25 7.29
N LYS A 126 6.77 -22.47 6.25
CA LYS A 126 8.20 -22.17 6.25
C LYS A 126 8.45 -20.67 6.34
N GLU A 127 7.67 -19.89 5.61
CA GLU A 127 7.81 -18.45 5.65
C GLU A 127 7.46 -17.89 7.03
N LEU A 128 6.42 -18.42 7.64
CA LEU A 128 6.01 -17.97 8.97
C LEU A 128 7.09 -18.27 10.00
N LYS A 129 7.63 -19.48 9.97
CA LYS A 129 8.70 -19.89 10.88
C LYS A 129 9.89 -18.92 10.84
N ARG A 130 10.33 -18.55 9.64
CA ARG A 130 11.44 -17.62 9.49
C ARG A 130 11.04 -16.24 10.00
N LYS A 131 9.78 -15.87 9.75
CA LYS A 131 9.27 -14.61 10.26
C LYS A 131 9.33 -14.60 11.79
N LEU A 132 8.86 -15.68 12.42
CA LEU A 132 8.86 -15.74 13.87
C LEU A 132 10.31 -15.66 14.40
N ASN A 133 11.26 -16.19 13.62
CA ASN A 133 12.66 -16.19 14.02
C ASN A 133 13.33 -14.82 13.92
N GLU A 134 12.62 -13.85 13.35
CA GLU A 134 13.13 -12.48 13.31
C GLU A 134 12.77 -11.73 14.58
N LEU A 135 11.99 -12.36 15.46
CA LEU A 135 11.56 -11.75 16.71
C LEU A 135 12.15 -12.47 17.92
N GLY A 136 12.66 -11.71 18.87
CA GLY A 136 13.15 -12.27 20.12
C GLY A 136 12.06 -12.95 20.93
N PRO A 137 12.44 -13.64 22.02
CA PRO A 137 11.43 -14.38 22.77
C PRO A 137 10.37 -13.43 23.31
N ASP A 138 9.13 -13.89 23.37
CA ASP A 138 8.00 -13.07 23.83
C ASP A 138 8.14 -12.75 25.32
N PHE A 139 8.29 -11.46 25.65
CA PHE A 139 8.52 -11.06 27.04
C PHE A 139 7.43 -11.50 28.00
N LEU A 140 6.18 -11.50 27.52
CA LEU A 140 5.04 -11.89 28.34
C LEU A 140 4.89 -13.40 28.54
N LYS A 141 5.10 -14.16 27.46
CA LYS A 141 4.76 -15.58 27.44
C LYS A 141 5.95 -16.53 27.71
N ASN A 142 7.17 -16.02 27.65
CA ASN A 142 8.35 -16.82 27.97
C ASN A 142 8.86 -16.52 29.38
N ASP A 143 8.88 -17.52 30.24
CA ASP A 143 9.21 -17.30 31.66
C ASP A 143 10.70 -17.45 31.97
N ASP A 144 11.50 -17.70 30.94
CA ASP A 144 12.94 -17.88 31.16
C ASP A 144 13.77 -17.39 29.98
N ILE A 145 13.57 -16.12 29.64
CA ILE A 145 14.43 -15.42 28.70
C ILE A 145 15.75 -15.13 29.42
N ASP A 146 16.88 -15.29 28.73
CA ASP A 146 18.15 -14.93 29.32
C ASP A 146 18.41 -13.45 29.11
N ILE A 147 18.14 -12.67 30.13
CA ILE A 147 18.20 -11.22 30.05
C ILE A 147 19.66 -10.72 30.12
N SER A 148 20.58 -11.63 30.42
CA SER A 148 21.98 -11.25 30.59
C SER A 148 22.63 -10.91 29.25
N LYS A 149 21.93 -11.21 28.16
CA LYS A 149 22.36 -10.81 26.83
C LYS A 149 22.43 -9.29 26.73
N ILE A 150 21.68 -8.61 27.59
CA ILE A 150 21.71 -7.15 27.66
C ILE A 150 23.13 -6.59 27.78
N LYS A 151 23.98 -7.29 28.51
CA LYS A 151 25.32 -6.79 28.84
C LYS A 151 26.27 -6.71 27.66
N LYS A 152 25.94 -7.42 26.57
CA LYS A 152 26.80 -7.43 25.40
C LYS A 152 26.70 -6.16 24.56
N TYR A 153 25.69 -5.33 24.83
CA TYR A 153 25.40 -4.17 23.99
C TYR A 153 25.74 -2.84 24.64
N LYS A 154 26.57 -2.05 23.97
CA LYS A 154 26.89 -0.71 24.44
C LYS A 154 25.85 0.26 23.90
N GLN A 155 24.58 0.02 24.21
CA GLN A 155 23.51 0.91 23.78
C GLN A 155 22.56 1.20 24.93
N PRO A 156 21.90 2.37 24.90
CA PRO A 156 20.94 2.73 25.95
C PRO A 156 19.93 1.61 26.17
N ILE A 157 19.71 1.24 27.43
CA ILE A 157 18.80 0.17 27.79
C ILE A 157 17.39 0.39 27.22
N VAL A 158 16.98 1.65 27.07
CA VAL A 158 15.66 1.94 26.54
C VAL A 158 15.55 1.51 25.08
N ALA A 159 16.65 1.64 24.34
CA ALA A 159 16.66 1.22 22.93
C ALA A 159 16.73 -0.30 22.82
N LEU A 160 17.49 -0.94 23.70
CA LEU A 160 17.61 -2.39 23.71
C LEU A 160 16.27 -3.04 24.01
N LEU A 161 15.49 -2.41 24.88
CA LEU A 161 14.19 -2.96 25.25
C LEU A 161 13.10 -2.67 24.20
N MET A 162 13.26 -1.58 23.47
CA MET A 162 12.32 -1.20 22.42
C MET A 162 12.56 -2.01 21.14
N ASP A 163 13.76 -2.54 21.01
CA ASP A 163 14.11 -3.46 19.92
C ASP A 163 13.31 -4.76 20.06
N GLN A 164 12.87 -5.32 18.94
CA GLN A 164 12.01 -6.50 18.98
C GLN A 164 12.77 -7.82 18.79
N LYS A 165 14.07 -7.72 18.56
CA LYS A 165 14.88 -8.90 18.30
C LYS A 165 15.98 -9.16 19.33
N LYS A 166 16.70 -8.12 19.73
CA LYS A 166 17.93 -8.28 20.52
C LYS A 166 17.75 -9.02 21.85
N ILE A 167 16.78 -8.61 22.66
CA ILE A 167 16.56 -9.23 23.96
C ILE A 167 15.21 -9.96 24.00
N GLY A 168 14.16 -9.30 23.54
CA GLY A 168 12.84 -9.90 23.52
C GLY A 168 11.83 -9.07 22.73
N SER A 169 10.67 -9.65 22.45
CA SER A 169 9.65 -8.94 21.69
C SER A 169 8.44 -8.61 22.55
N GLY A 170 7.71 -7.56 22.17
CA GLY A 170 6.48 -7.20 22.85
C GLY A 170 6.44 -5.85 23.53
N LEU A 171 7.60 -5.31 23.91
CA LEU A 171 7.65 -4.02 24.62
C LEU A 171 7.59 -2.83 23.67
N GLY A 172 6.80 -1.82 24.04
CA GLY A 172 6.69 -0.62 23.25
C GLY A 172 6.88 0.63 24.10
N ASN A 173 6.57 1.78 23.53
CA ASN A 173 6.91 3.05 24.19
C ASN A 173 6.47 3.19 25.65
N TYR A 174 5.25 2.77 25.99
CA TYR A 174 4.83 2.96 27.39
C TYR A 174 5.25 1.86 28.35
N LEU A 175 5.32 0.61 27.90
CA LEU A 175 5.82 -0.46 28.75
C LEU A 175 7.26 -0.20 29.19
N VAL A 176 8.13 0.15 28.25
CA VAL A 176 9.52 0.38 28.55
C VAL A 176 9.69 1.47 29.62
N ALA A 177 9.03 2.60 29.41
CA ALA A 177 9.14 3.72 30.35
C ALA A 177 8.69 3.30 31.74
N GLU A 178 7.56 2.61 31.82
CA GLU A 178 7.05 2.18 33.11
C GLU A 178 7.99 1.18 33.80
N ILE A 179 8.49 0.23 33.03
CA ILE A 179 9.43 -0.78 33.52
C ILE A 179 10.71 -0.15 34.06
N LEU A 180 11.28 0.77 33.29
CA LEU A 180 12.53 1.39 33.71
C LEU A 180 12.31 2.25 34.96
N TYR A 181 11.14 2.85 35.08
CA TYR A 181 10.82 3.61 36.30
C TYR A 181 10.74 2.70 37.52
N ARG A 182 10.01 1.60 37.40
CA ARG A 182 9.86 0.64 38.49
C ARG A 182 11.19 -0.03 38.86
N ALA A 183 12.03 -0.25 37.85
CA ALA A 183 13.34 -0.87 38.08
C ALA A 183 14.37 0.15 38.56
N LYS A 184 14.01 1.42 38.54
CA LYS A 184 14.89 2.51 38.99
C LYS A 184 16.14 2.65 38.13
N ILE A 185 15.98 2.48 36.82
CA ILE A 185 17.11 2.54 35.91
C ILE A 185 16.98 3.71 34.96
N ASP A 186 18.03 4.51 34.88
CA ASP A 186 18.10 5.62 33.94
C ASP A 186 18.12 5.04 32.52
N PRO A 187 17.21 5.51 31.66
CA PRO A 187 17.03 5.02 30.28
C PRO A 187 18.28 5.14 29.41
N HIS A 188 19.18 6.03 29.79
CA HIS A 188 20.41 6.28 29.02
C HIS A 188 21.47 5.24 29.32
N LYS A 189 21.33 4.55 30.45
CA LYS A 189 22.35 3.62 30.88
C LYS A 189 22.59 2.49 29.87
N LEU A 190 23.84 2.33 29.48
CA LEU A 190 24.22 1.32 28.50
C LEU A 190 23.97 -0.07 29.08
N GLY A 191 23.37 -0.94 28.30
CA GLY A 191 23.16 -2.31 28.73
C GLY A 191 24.45 -2.97 29.22
N SER A 192 25.56 -2.66 28.55
CA SER A 192 26.86 -3.17 28.96
C SER A 192 27.38 -2.58 30.27
N ASN A 193 26.64 -1.63 30.84
CA ASN A 193 27.04 -1.03 32.12
C ASN A 193 26.16 -1.47 33.29
N LEU A 194 25.11 -2.23 33.00
CA LEU A 194 24.23 -2.71 34.06
C LEU A 194 24.97 -3.72 34.93
N THR A 195 24.69 -3.71 36.22
CA THR A 195 25.23 -4.72 37.13
C THR A 195 24.34 -5.95 37.02
N ASP A 196 24.83 -7.08 37.52
CA ASP A 196 24.05 -8.30 37.53
C ASP A 196 22.81 -8.19 38.42
N GLN A 197 22.84 -7.30 39.40
CA GLN A 197 21.68 -7.04 40.25
C GLN A 197 20.62 -6.23 39.51
N GLU A 198 21.06 -5.19 38.82
CA GLU A 198 20.17 -4.41 37.95
C GLU A 198 19.45 -5.31 36.96
N ILE A 199 20.22 -6.19 36.31
CA ILE A 199 19.65 -7.12 35.35
C ILE A 199 18.57 -7.98 35.98
N GLU A 200 18.87 -8.58 37.13
CA GLU A 200 17.91 -9.43 37.81
C GLU A 200 16.66 -8.63 38.16
N ASN A 201 16.85 -7.40 38.63
CA ASN A 201 15.74 -6.52 38.99
C ASN A 201 14.92 -6.09 37.76
N LEU A 202 15.62 -5.85 36.66
CA LEU A 202 14.95 -5.48 35.41
C LEU A 202 14.08 -6.65 34.93
N TRP A 203 14.60 -7.86 35.03
CA TRP A 203 13.84 -9.02 34.58
C TRP A 203 12.60 -9.20 35.46
N TYR A 204 12.74 -8.96 36.76
CA TYR A 204 11.58 -8.99 37.64
C TYR A 204 10.50 -8.03 37.16
N TRP A 205 10.89 -6.80 36.87
CA TRP A 205 9.90 -5.77 36.56
C TRP A 205 9.30 -5.92 35.16
N ILE A 206 10.09 -6.42 34.22
CA ILE A 206 9.57 -6.73 32.89
C ILE A 206 8.40 -7.71 33.02
N LYS A 207 8.60 -8.77 33.79
CA LYS A 207 7.55 -9.76 33.99
C LYS A 207 6.35 -9.14 34.70
N TYR A 208 6.62 -8.35 35.73
CA TYR A 208 5.58 -7.69 36.52
C TYR A 208 4.68 -6.80 35.66
N GLU A 209 5.28 -5.94 34.85
CA GLU A 209 4.53 -5.00 34.01
C GLU A 209 3.77 -5.65 32.84
N THR A 210 4.41 -6.58 32.13
CA THR A 210 3.73 -7.26 31.02
C THR A 210 2.52 -8.01 31.55
N LYS A 211 2.71 -8.75 32.63
CA LYS A 211 1.61 -9.49 33.23
C LYS A 211 0.49 -8.55 33.70
N LEU A 212 0.86 -7.46 34.37
CA LEU A 212 -0.11 -6.47 34.82
C LEU A 212 -0.92 -5.89 33.66
N ALA A 213 -0.25 -5.57 32.56
CA ALA A 213 -0.92 -5.02 31.39
C ALA A 213 -1.83 -6.07 30.77
N TYR A 214 -1.30 -7.26 30.59
CA TYR A 214 -2.06 -8.38 30.06
C TYR A 214 -3.36 -8.56 30.86
N ASP A 215 -3.23 -8.57 32.18
CA ASP A 215 -4.37 -8.81 33.08
C ASP A 215 -5.43 -7.69 33.17
N SER A 216 -5.15 -6.54 32.55
CA SER A 216 -6.04 -5.38 32.68
C SER A 216 -7.28 -5.42 31.77
N ASN A 217 -8.33 -4.74 32.20
CA ASN A 217 -9.62 -4.80 31.51
C ASN A 217 -10.01 -3.49 30.82
N HIS A 218 -9.20 -2.45 31.03
N HIS A 218 -9.19 -2.46 31.03
CA HIS A 218 -9.43 -1.16 30.39
CA HIS A 218 -9.44 -1.15 30.42
C HIS A 218 -8.13 -0.38 30.25
C HIS A 218 -8.12 -0.39 30.27
N ILE A 219 -7.25 -0.88 29.39
CA ILE A 219 -5.94 -0.28 29.19
C ILE A 219 -5.99 1.01 28.38
N GLY A 220 -6.99 1.10 27.51
CA GLY A 220 -7.12 2.25 26.63
C GLY A 220 -7.46 1.86 25.21
N TYR A 221 -6.43 1.45 24.47
CA TYR A 221 -6.60 1.07 23.06
C TYR A 221 -7.70 0.05 22.84
N MET A 222 -7.69 -1.03 23.63
CA MET A 222 -8.66 -2.10 23.45
C MET A 222 -10.07 -1.77 23.94
N VAL A 223 -10.52 -0.55 23.69
CA VAL A 223 -11.87 -0.15 24.06
C VAL A 223 -12.93 -0.97 23.31
N ASN A 224 -12.61 -1.33 22.08
CA ASN A 224 -13.56 -2.06 21.24
C ASN A 224 -13.78 -3.51 21.68
N LEU A 225 -13.05 -3.95 22.69
CA LEU A 225 -13.17 -5.30 23.21
C LEU A 225 -13.34 -5.35 24.74
N GLU A 226 -13.55 -4.21 25.38
CA GLU A 226 -13.62 -4.19 26.83
C GLU A 226 -14.79 -5.00 27.40
N ASN A 227 -15.84 -5.16 26.61
CA ASN A 227 -16.91 -6.08 26.96
C ASN A 227 -16.38 -7.50 27.03
N GLU A 228 -15.60 -7.88 26.02
CA GLU A 228 -15.05 -9.23 25.93
C GLU A 228 -13.89 -9.47 26.90
N SER A 229 -13.09 -8.44 27.14
CA SER A 229 -11.95 -8.51 28.05
C SER A 229 -12.34 -8.91 29.47
N SER A 230 -13.47 -8.41 29.95
CA SER A 230 -13.91 -8.70 31.31
C SER A 230 -14.67 -10.02 31.40
N LYS A 231 -14.97 -10.60 30.25
CA LYS A 231 -15.69 -11.88 30.20
C LYS A 231 -14.79 -13.07 29.88
N ILE A 232 -13.50 -12.80 29.63
CA ILE A 232 -12.56 -13.88 29.38
C ILE A 232 -11.52 -13.94 30.50
N GLY A 233 -10.97 -15.13 30.71
CA GLY A 233 -9.92 -15.31 31.70
C GLY A 233 -8.58 -14.79 31.20
N ARG A 234 -7.54 -15.15 31.94
CA ARG A 234 -6.17 -14.80 31.57
C ARG A 234 -5.27 -16.00 31.79
N LYS A 235 -4.42 -16.31 30.82
CA LYS A 235 -3.48 -17.40 30.96
C LYS A 235 -2.43 -17.06 32.00
N ASN A 236 -1.92 -18.08 32.69
CA ASN A 236 -1.05 -17.89 33.83
C ASN A 236 0.40 -17.63 33.44
N TYR A 237 0.63 -16.62 32.62
CA TYR A 237 1.98 -16.22 32.27
C TYR A 237 2.72 -15.71 33.52
N HIS A 238 4.04 -15.86 33.52
CA HIS A 238 4.84 -15.52 34.69
C HIS A 238 4.09 -15.85 35.97
N PRO A 239 3.96 -17.15 36.26
CA PRO A 239 3.11 -17.70 37.33
C PRO A 239 3.56 -17.27 38.72
N ASN A 240 4.85 -17.02 38.90
CA ASN A 240 5.37 -16.70 40.23
C ASN A 240 5.35 -15.21 40.55
N ILE A 241 4.92 -14.40 39.58
CA ILE A 241 4.84 -12.96 39.80
C ILE A 241 3.39 -12.51 39.95
N HIS A 242 3.11 -11.72 40.97
CA HIS A 242 1.74 -11.33 41.28
C HIS A 242 1.60 -9.84 41.58
N PRO A 243 1.29 -9.03 40.55
CA PRO A 243 1.06 -7.60 40.74
C PRO A 243 -0.02 -7.34 41.80
N THR A 244 0.16 -6.28 42.59
CA THR A 244 -0.77 -5.93 43.64
C THR A 244 -1.95 -5.14 43.12
N GLU A 245 -1.68 -4.24 42.17
CA GLU A 245 -2.73 -3.42 41.56
C GLU A 245 -3.62 -4.26 40.64
N LYS A 246 -4.84 -3.77 40.42
CA LYS A 246 -5.83 -4.51 39.65
C LYS A 246 -5.96 -3.99 38.22
N GLU A 247 -5.40 -2.82 37.97
CA GLU A 247 -5.45 -2.22 36.65
C GLU A 247 -4.11 -1.58 36.36
N PHE A 248 -3.67 -1.61 35.09
CA PHE A 248 -2.41 -0.97 34.75
C PHE A 248 -2.57 0.53 34.88
N ASP A 249 -1.61 1.16 35.56
CA ASP A 249 -1.67 2.61 35.74
C ASP A 249 -0.37 3.22 35.25
N PHE A 250 -0.45 4.42 34.70
CA PHE A 250 0.76 5.10 34.22
C PHE A 250 1.41 5.86 35.36
N LEU A 251 2.65 5.49 35.67
CA LEU A 251 3.36 6.15 36.74
C LEU A 251 4.16 7.35 36.21
N VAL A 252 4.75 7.19 35.02
CA VAL A 252 5.52 8.28 34.42
C VAL A 252 5.12 8.63 32.99
N TYR A 253 4.62 7.63 32.24
CA TYR A 253 4.29 7.83 30.82
C TYR A 253 3.31 8.98 30.62
N ARG A 254 3.76 9.99 29.88
CA ARG A 254 2.95 11.19 29.60
C ARG A 254 2.48 11.89 30.87
N LYS A 255 3.24 11.74 31.96
CA LYS A 255 2.97 12.45 33.19
C LYS A 255 3.99 13.58 33.37
N LYS A 256 3.60 14.62 34.08
CA LYS A 256 4.55 15.68 34.38
CA LYS A 256 4.52 15.71 34.40
C LYS A 256 5.28 15.40 35.69
N LYS A 257 4.65 14.59 36.56
CA LYS A 257 5.25 14.18 37.82
C LYS A 257 4.98 12.71 38.10
N ASP A 258 5.88 12.07 38.83
CA ASP A 258 5.63 10.70 39.27
C ASP A 258 4.69 10.73 40.47
N PRO A 259 4.29 9.56 40.99
CA PRO A 259 3.29 9.58 42.06
C PRO A 259 3.74 10.32 43.32
N ASN A 260 5.04 10.51 43.48
CA ASN A 260 5.58 11.17 44.66
C ASN A 260 5.94 12.63 44.45
N GLY A 261 5.51 13.20 43.33
CA GLY A 261 5.78 14.60 43.03
C GLY A 261 7.11 14.86 42.35
N ASN A 262 7.85 13.80 42.04
CA ASN A 262 9.12 13.96 41.32
C ASN A 262 8.89 14.34 39.86
N LYS A 263 9.64 15.33 39.40
CA LYS A 263 9.50 15.80 38.02
C LYS A 263 9.79 14.69 37.00
N VAL A 264 8.93 14.56 35.99
CA VAL A 264 9.12 13.64 34.88
C VAL A 264 9.63 14.39 33.65
N ILE A 265 10.72 13.89 33.08
CA ILE A 265 11.30 14.49 31.87
C ILE A 265 10.77 13.77 30.64
N ALA A 266 10.38 14.53 29.63
CA ALA A 266 9.95 13.97 28.36
C ALA A 266 11.13 14.02 27.40
N ASP A 267 11.93 12.96 27.42
CA ASP A 267 13.21 12.94 26.73
C ASP A 267 13.11 12.35 25.32
N LYS A 268 13.91 12.87 24.39
CA LYS A 268 13.98 12.28 23.06
C LYS A 268 15.30 11.55 22.83
N ILE A 269 15.36 10.31 23.31
CA ILE A 269 16.56 9.50 23.28
C ILE A 269 16.70 8.69 22.00
N ILE A 270 15.67 7.94 21.65
CA ILE A 270 15.72 7.01 20.54
C ILE A 270 15.23 7.60 19.22
N GLY A 271 15.82 7.15 18.12
CA GLY A 271 15.34 7.49 16.79
C GLY A 271 15.96 8.73 16.20
N SER A 272 15.57 9.04 14.97
CA SER A 272 16.05 10.23 14.27
C SER A 272 14.96 10.69 13.32
N GLY A 273 15.27 11.70 12.52
CA GLY A 273 14.32 12.20 11.54
C GLY A 273 12.89 12.25 12.06
N LYS A 274 12.02 11.42 11.47
CA LYS A 274 10.60 11.43 11.81
C LYS A 274 10.14 10.17 12.54
N ASN A 275 11.09 9.49 13.19
CA ASN A 275 10.76 8.29 13.94
C ASN A 275 11.16 8.41 15.41
N LYS A 276 11.47 9.63 15.83
CA LYS A 276 11.83 9.89 17.22
C LYS A 276 10.69 9.57 18.18
N ARG A 277 11.05 8.97 19.32
CA ARG A 277 10.08 8.60 20.35
C ARG A 277 10.34 9.38 21.62
N THR A 278 9.30 9.64 22.39
CA THR A 278 9.44 10.30 23.69
C THR A 278 9.59 9.26 24.80
N THR A 279 10.70 9.33 25.52
CA THR A 279 10.90 8.47 26.68
C THR A 279 10.65 9.24 27.98
N TYR A 280 9.60 8.86 28.69
CA TYR A 280 9.28 9.51 29.95
C TYR A 280 10.04 8.84 31.09
N TRP A 281 10.76 9.64 31.86
CA TRP A 281 11.47 9.13 33.04
C TRP A 281 11.64 10.19 34.12
N ALA A 282 11.88 9.73 35.35
CA ALA A 282 12.02 10.64 36.49
C ALA A 282 13.40 10.52 37.14
N PRO A 283 14.28 11.48 36.82
CA PRO A 283 15.69 11.55 37.26
C PRO A 283 15.87 11.32 38.75
N ALA A 284 14.93 11.79 39.55
CA ALA A 284 15.03 11.64 41.00
C ALA A 284 15.09 10.18 41.40
N ILE A 285 14.46 9.32 40.61
CA ILE A 285 14.32 7.91 40.97
C ILE A 285 15.22 7.00 40.15
N GLN A 286 15.31 7.29 38.87
CA GLN A 286 16.09 6.49 37.94
C GLN A 286 17.47 7.07 37.76
N LYS A 287 18.49 6.32 38.16
CA LYS A 287 19.86 6.80 38.09
C LYS A 287 20.75 5.80 37.35
N LEU A 288 22.05 6.07 37.36
CA LEU A 288 23.00 5.16 36.75
C LEU A 288 23.71 4.34 37.82
N GLU A 289 22.96 3.47 38.48
CA GLU A 289 23.49 2.61 39.53
C GLU A 289 22.47 1.56 39.93
N PRO B 2 2.24 4.94 -25.59
CA PRO B 2 1.60 4.71 -24.30
C PRO B 2 0.12 5.06 -24.26
N GLN B 3 -0.65 4.02 -23.99
CA GLN B 3 -2.06 4.18 -23.72
C GLN B 3 -2.21 4.40 -22.22
N GLY B 4 -3.41 4.74 -21.77
CA GLY B 4 -3.68 4.95 -20.36
C GLY B 4 -3.01 4.04 -19.35
N PRO B 5 -3.08 2.71 -19.55
CA PRO B 5 -2.51 1.79 -18.56
C PRO B 5 -0.99 1.88 -18.41
N GLU B 6 -0.27 2.17 -19.49
CA GLU B 6 1.18 2.33 -19.40
C GLU B 6 1.52 3.69 -18.79
N VAL B 7 0.79 4.72 -19.19
CA VAL B 7 0.99 6.03 -18.61
C VAL B 7 0.74 5.98 -17.10
N ALA B 8 -0.29 5.26 -16.66
CA ALA B 8 -0.61 5.15 -15.24
C ALA B 8 0.46 4.41 -14.45
N LEU B 9 0.93 3.28 -14.98
CA LEU B 9 1.98 2.51 -14.34
C LEU B 9 3.25 3.33 -14.29
N THR B 10 3.50 4.11 -15.34
CA THR B 10 4.68 4.97 -15.39
C THR B 10 4.66 6.00 -14.28
N ALA B 11 3.51 6.63 -14.08
CA ALA B 11 3.34 7.61 -13.02
C ALA B 11 3.50 6.99 -11.64
N ASP B 12 2.97 5.78 -11.48
CA ASP B 12 3.19 5.01 -10.24
C ASP B 12 4.68 4.86 -9.96
N ILE B 13 5.45 4.54 -10.99
CA ILE B 13 6.87 4.33 -10.81
C ILE B 13 7.59 5.65 -10.52
N LEU B 14 7.25 6.70 -11.27
CA LEU B 14 7.84 8.01 -11.02
C LEU B 14 7.56 8.50 -9.60
N GLU B 15 6.35 8.24 -9.11
CA GLU B 15 5.99 8.59 -7.74
C GLU B 15 6.84 7.83 -6.71
N LYS B 16 6.92 6.52 -6.88
CA LYS B 16 7.73 5.69 -5.98
C LYS B 16 9.12 6.27 -5.81
N TYR B 17 9.76 6.65 -6.91
CA TYR B 17 11.16 7.06 -6.88
C TYR B 17 11.41 8.56 -6.68
N PHE B 18 10.43 9.39 -6.98
CA PHE B 18 10.68 10.82 -7.02
C PHE B 18 9.76 11.70 -6.18
N LYS B 19 8.67 11.16 -5.66
CA LYS B 19 7.83 11.94 -4.76
C LYS B 19 8.63 12.28 -3.52
N GLY B 20 8.57 13.54 -3.10
CA GLY B 20 9.33 14.01 -1.97
C GLY B 20 10.77 14.38 -2.29
N LYS B 21 11.20 14.15 -3.52
CA LYS B 21 12.56 14.53 -3.94
C LYS B 21 12.56 15.94 -4.53
N THR B 22 13.74 16.57 -4.53
CA THR B 22 13.85 17.93 -5.03
C THR B 22 14.45 17.99 -6.42
N LEU B 23 13.68 18.53 -7.37
CA LEU B 23 14.14 18.69 -8.74
C LEU B 23 15.04 19.91 -8.84
N GLU B 24 16.25 19.71 -9.33
CA GLU B 24 17.22 20.80 -9.36
C GLU B 24 17.44 21.35 -10.75
N TYR B 25 17.35 20.48 -11.76
CA TYR B 25 17.37 20.95 -13.14
C TYR B 25 16.67 20.00 -14.10
N ILE B 26 16.20 20.55 -15.20
CA ILE B 26 15.68 19.75 -16.30
C ILE B 26 16.39 20.22 -17.54
N ASP B 27 16.98 19.28 -18.28
CA ASP B 27 17.73 19.60 -19.48
C ASP B 27 17.14 18.88 -20.70
N PHE B 28 16.89 19.64 -21.75
CA PHE B 28 16.45 19.04 -23.00
C PHE B 28 17.65 18.90 -23.92
N ILE B 29 18.23 17.71 -23.91
CA ILE B 29 19.52 17.46 -24.54
C ILE B 29 19.45 17.12 -26.04
N SER B 30 18.26 16.75 -26.51
CA SER B 30 18.05 16.53 -27.94
C SER B 30 16.57 16.50 -28.27
N GLY B 31 16.24 16.29 -29.54
CA GLY B 31 14.86 16.28 -29.97
C GLY B 31 14.30 17.67 -30.17
N ARG B 32 12.97 17.75 -30.23
CA ARG B 32 12.28 19.00 -30.55
C ARG B 32 12.65 20.14 -29.60
N TYR B 33 12.82 19.82 -28.32
CA TYR B 33 13.02 20.87 -27.33
C TYR B 33 14.49 21.28 -27.17
N SER B 34 15.36 20.68 -27.95
CA SER B 34 16.72 21.20 -28.04
C SER B 34 16.76 22.29 -29.10
N LYS B 35 15.75 22.31 -29.97
CA LYS B 35 15.67 23.28 -31.05
C LYS B 35 14.76 24.47 -30.69
N SER B 36 13.85 24.25 -29.75
CA SER B 36 12.92 25.27 -29.32
C SER B 36 12.42 25.00 -27.89
N GLU B 37 12.40 26.04 -27.06
CA GLU B 37 11.98 25.90 -25.67
C GLU B 37 10.52 25.47 -25.53
N PRO B 38 10.24 24.54 -24.62
CA PRO B 38 8.85 24.18 -24.31
C PRO B 38 8.13 25.39 -23.71
N GLU B 39 6.81 25.45 -23.87
CA GLU B 39 6.03 26.53 -23.27
C GLU B 39 6.28 26.60 -21.77
N GLY B 40 6.67 27.79 -21.28
CA GLY B 40 6.84 28.03 -19.86
C GLY B 40 8.19 27.61 -19.27
N TYR B 41 9.09 27.12 -20.12
CA TYR B 41 10.37 26.59 -19.68
C TYR B 41 11.24 27.59 -18.90
N ASP B 42 11.40 28.79 -19.43
CA ASP B 42 12.28 29.78 -18.80
C ASP B 42 11.78 30.17 -17.42
N ASP B 43 10.47 30.37 -17.29
CA ASP B 43 9.89 30.76 -16.01
C ASP B 43 10.01 29.64 -14.98
N PHE B 44 9.79 28.41 -15.43
CA PHE B 44 9.93 27.25 -14.55
C PHE B 44 11.37 27.10 -14.04
N ILE B 45 12.33 27.14 -14.96
CA ILE B 45 13.75 27.02 -14.61
C ILE B 45 14.17 28.07 -13.60
N ALA B 46 13.66 29.29 -13.77
CA ALA B 46 13.96 30.39 -12.87
C ALA B 46 13.48 30.12 -11.45
N ASN B 47 12.59 29.14 -11.30
CA ASN B 47 12.02 28.82 -10.00
C ASN B 47 12.52 27.52 -9.37
N LEU B 48 13.43 26.83 -10.04
CA LEU B 48 14.08 25.67 -9.44
C LEU B 48 15.06 26.12 -8.35
N PRO B 49 15.28 25.27 -7.34
CA PRO B 49 14.77 23.91 -7.18
C PRO B 49 13.36 23.85 -6.60
N LEU B 50 12.65 22.76 -6.89
CA LEU B 50 11.29 22.59 -6.39
C LEU B 50 11.10 21.14 -5.97
N LYS B 51 10.28 20.95 -4.94
CA LYS B 51 9.99 19.62 -4.41
C LYS B 51 8.79 19.01 -5.14
N VAL B 52 8.92 17.74 -5.52
CA VAL B 52 7.82 17.02 -6.15
C VAL B 52 6.81 16.55 -5.09
N SER B 53 5.57 17.00 -5.21
CA SER B 53 4.52 16.58 -4.30
C SER B 53 3.73 15.37 -4.85
N ASN B 54 3.59 15.30 -6.16
CA ASN B 54 3.10 14.08 -6.79
C ASN B 54 3.26 14.03 -8.30
N VAL B 55 2.94 12.88 -8.85
CA VAL B 55 2.93 12.62 -10.28
C VAL B 55 1.61 11.88 -10.50
N ASP B 56 0.78 12.40 -11.40
CA ASP B 56 -0.55 11.82 -11.58
C ASP B 56 -0.88 11.71 -13.07
N THR B 57 -1.95 11.00 -13.39
CA THR B 57 -2.36 10.83 -14.78
C THR B 57 -3.87 10.86 -14.93
N LYS B 58 -4.32 11.25 -16.12
CA LYS B 58 -5.71 11.06 -16.53
C LYS B 58 -5.68 10.65 -17.99
N GLY B 59 -6.17 9.44 -18.28
CA GLY B 59 -6.03 8.90 -19.62
C GLY B 59 -4.57 8.80 -20.01
N LYS B 60 -4.21 9.41 -21.14
CA LYS B 60 -2.84 9.35 -21.64
C LYS B 60 -2.02 10.56 -21.23
N PHE B 61 -2.61 11.43 -20.41
CA PHE B 61 -1.96 12.67 -20.00
C PHE B 61 -1.32 12.54 -18.62
N LEU B 62 -0.04 12.89 -18.51
CA LEU B 62 0.70 12.79 -17.25
C LEU B 62 1.16 14.16 -16.77
N TRP B 63 1.14 14.38 -15.46
CA TRP B 63 1.69 15.62 -14.94
C TRP B 63 2.40 15.48 -13.58
N PHE B 64 3.41 16.33 -13.37
CA PHE B 64 4.09 16.43 -12.09
C PHE B 64 3.53 17.65 -11.37
N GLU B 65 3.41 17.56 -10.06
CA GLU B 65 3.08 18.72 -9.24
C GLU B 65 4.27 19.01 -8.33
N LEU B 66 4.74 20.25 -8.33
CA LEU B 66 5.89 20.65 -7.54
C LEU B 66 5.62 21.91 -6.75
N PHE B 67 6.46 22.18 -5.75
CA PHE B 67 6.27 23.35 -4.89
C PHE B 67 7.56 23.67 -4.17
N ASP B 68 7.62 24.87 -3.60
CA ASP B 68 8.74 25.25 -2.74
C ASP B 68 8.26 25.19 -1.30
N PRO B 69 8.92 24.36 -0.48
CA PRO B 69 8.54 24.21 0.93
C PRO B 69 8.40 25.54 1.66
N ASN B 70 9.14 26.56 1.23
CA ASN B 70 9.11 27.87 1.88
C ASN B 70 8.06 28.80 1.30
N ASP B 71 7.26 28.27 0.37
CA ASP B 71 6.12 28.98 -0.19
C ASP B 71 5.15 27.94 -0.75
N LYS B 72 4.69 27.06 0.14
CA LYS B 72 3.95 25.86 -0.23
C LYS B 72 2.69 26.10 -1.05
N SER B 73 2.22 27.33 -1.10
CA SER B 73 1.00 27.64 -1.85
C SER B 73 1.25 27.79 -3.34
N ASN B 74 2.43 28.29 -3.71
CA ASN B 74 2.75 28.48 -5.12
C ASN B 74 3.16 27.18 -5.80
N LYS B 75 2.24 26.60 -6.56
CA LYS B 75 2.46 25.29 -7.17
C LYS B 75 2.90 25.37 -8.63
N TRP B 76 3.74 24.43 -9.05
CA TRP B 76 4.21 24.35 -10.42
C TRP B 76 3.86 22.99 -11.01
N TYR B 77 3.62 22.97 -12.32
CA TYR B 77 3.23 21.74 -12.99
C TYR B 77 4.06 21.48 -14.23
N ILE B 78 4.41 20.21 -14.42
CA ILE B 78 4.98 19.74 -15.68
C ILE B 78 3.91 18.91 -16.40
N TRP B 79 3.51 19.38 -17.57
CA TRP B 79 2.57 18.65 -18.41
C TRP B 79 3.37 17.77 -19.34
N ASN B 80 2.97 16.51 -19.47
CA ASN B 80 3.70 15.58 -20.32
C ASN B 80 2.73 14.70 -21.08
N THR B 81 2.91 14.63 -22.40
CA THR B 81 2.22 13.62 -23.22
C THR B 81 3.29 12.78 -23.89
N PHE B 82 3.00 11.51 -24.12
CA PHE B 82 4.01 10.55 -24.56
C PHE B 82 4.09 10.43 -26.07
N GLY B 83 3.01 10.83 -26.75
CA GLY B 83 2.94 10.62 -28.18
C GLY B 83 2.96 9.14 -28.49
N LEU B 84 3.60 8.76 -29.60
CA LEU B 84 3.66 7.36 -30.02
C LEU B 84 4.81 6.57 -29.40
N THR B 85 5.93 7.23 -29.10
CA THR B 85 7.13 6.52 -28.67
C THR B 85 7.74 7.02 -27.36
N GLY B 86 7.04 7.92 -26.67
CA GLY B 86 7.51 8.46 -25.41
C GLY B 86 7.66 7.40 -24.34
N MET B 87 8.73 7.51 -23.55
CA MET B 87 9.05 6.52 -22.53
C MET B 87 9.92 7.14 -21.44
N TRP B 88 9.56 6.91 -20.18
CA TRP B 88 10.39 7.33 -19.06
C TRP B 88 11.28 6.16 -18.62
N SER B 89 12.38 6.49 -17.94
CA SER B 89 13.25 5.46 -17.39
C SER B 89 14.22 6.01 -16.35
N LEU B 90 14.82 5.12 -15.58
CA LEU B 90 15.76 5.50 -14.54
C LEU B 90 17.19 5.53 -15.06
N PHE B 91 17.36 5.16 -16.33
CA PHE B 91 18.68 5.22 -16.97
C PHE B 91 18.58 5.92 -18.32
N GLU B 92 19.70 6.47 -18.77
CA GLU B 92 19.73 7.26 -20.01
C GLU B 92 19.70 6.39 -21.26
N ALA B 93 18.50 6.09 -21.75
CA ALA B 93 18.35 5.16 -22.86
C ALA B 93 18.58 5.86 -24.19
N LYS B 94 18.60 5.06 -25.26
CA LYS B 94 18.67 5.60 -26.61
C LYS B 94 17.49 6.55 -26.82
N TYR B 95 17.71 7.61 -27.60
CA TYR B 95 16.67 8.61 -27.86
C TYR B 95 16.29 9.41 -26.62
N THR B 96 17.20 9.56 -25.67
CA THR B 96 16.91 10.39 -24.50
C THR B 96 16.78 11.86 -24.90
N ARG B 97 15.63 12.46 -24.59
CA ARG B 97 15.35 13.85 -24.98
C ARG B 97 15.45 14.80 -23.79
N ALA B 98 14.89 14.39 -22.65
CA ALA B 98 14.92 15.21 -21.45
C ALA B 98 15.61 14.49 -20.28
N VAL B 99 16.42 15.23 -19.54
CA VAL B 99 17.08 14.72 -18.36
C VAL B 99 16.64 15.52 -17.13
N LEU B 100 16.03 14.84 -16.16
CA LEU B 100 15.65 15.48 -14.91
C LEU B 100 16.64 15.13 -13.81
N SER B 101 17.27 16.15 -13.24
CA SER B 101 18.28 15.97 -12.21
C SER B 101 17.74 16.34 -10.84
N PHE B 102 17.64 15.35 -9.97
CA PHE B 102 17.15 15.57 -8.62
C PHE B 102 18.32 15.63 -7.65
N ASP B 103 18.04 15.99 -6.40
CA ASP B 103 19.11 16.13 -5.42
C ASP B 103 19.78 14.78 -5.22
N ASN B 104 21.07 14.82 -4.89
CA ASN B 104 21.83 13.60 -4.62
C ASN B 104 22.06 12.75 -5.86
N GLU B 105 22.22 13.39 -7.00
CA GLU B 105 22.62 12.69 -8.23
C GLU B 105 21.54 11.73 -8.76
N LEU B 106 20.34 11.82 -8.21
CA LEU B 106 19.22 11.01 -8.70
C LEU B 106 18.72 11.57 -10.03
N MET B 107 18.35 10.70 -10.97
CA MET B 107 18.01 11.14 -12.31
C MET B 107 16.79 10.43 -12.89
N ALA B 108 16.04 11.15 -13.73
CA ALA B 108 14.96 10.57 -14.49
C ALA B 108 15.14 11.00 -15.94
N TYR B 109 14.85 10.08 -16.86
CA TYR B 109 15.06 10.33 -18.28
C TYR B 109 13.79 10.05 -19.07
N PHE B 110 13.48 10.95 -20.00
CA PHE B 110 12.39 10.75 -20.92
C PHE B 110 12.99 10.55 -22.31
N SER B 111 12.65 9.44 -22.95
CA SER B 111 13.16 9.16 -24.28
C SER B 111 11.99 9.14 -25.26
N ASP B 112 12.26 9.45 -26.52
CA ASP B 112 11.18 9.58 -27.49
C ASP B 112 11.68 9.51 -28.93
N MET B 113 11.69 8.31 -29.51
CA MET B 113 12.26 8.13 -30.85
C MET B 113 11.71 9.12 -31.88
N ARG B 114 10.39 9.19 -32.01
CA ARG B 114 9.79 9.98 -33.08
C ARG B 114 9.56 11.46 -32.74
N ASN B 115 9.75 11.82 -31.48
CA ASN B 115 9.61 13.22 -31.02
C ASN B 115 8.18 13.77 -30.98
N PHE B 116 7.18 12.88 -30.87
CA PHE B 116 5.79 13.34 -30.82
C PHE B 116 5.30 13.68 -29.40
N GLY B 117 6.05 13.26 -28.39
CA GLY B 117 5.73 13.59 -27.01
C GLY B 117 5.90 15.08 -26.76
N THR B 118 5.22 15.59 -25.74
CA THR B 118 5.30 17.02 -25.46
C THR B 118 5.56 17.34 -23.99
N PHE B 119 6.14 18.50 -23.76
CA PHE B 119 6.32 19.03 -22.42
C PHE B 119 5.78 20.46 -22.37
N LYS B 120 5.10 20.79 -21.28
CA LYS B 120 4.69 22.17 -21.05
C LYS B 120 4.85 22.42 -19.57
N PHE B 121 5.23 23.65 -19.21
CA PHE B 121 5.46 23.99 -17.81
C PHE B 121 4.51 25.12 -17.44
N SER B 122 3.90 25.02 -16.26
CA SER B 122 2.87 25.98 -15.90
C SER B 122 2.83 26.22 -14.40
N ASN B 123 2.41 27.42 -14.03
CA ASN B 123 2.29 27.77 -12.62
CA ASN B 123 2.31 27.82 -12.64
C ASN B 123 0.83 28.08 -12.30
N SER B 124 -0.06 27.40 -13.02
CA SER B 124 -1.49 27.66 -12.93
C SER B 124 -2.32 26.40 -12.70
N GLU B 125 -2.82 26.25 -11.49
CA GLU B 125 -3.68 25.12 -11.16
C GLU B 125 -4.98 25.21 -11.96
N LYS B 126 -5.38 26.44 -12.26
CA LYS B 126 -6.59 26.69 -13.05
C LYS B 126 -6.46 26.16 -14.47
N GLU B 127 -5.30 26.37 -15.09
CA GLU B 127 -5.08 25.88 -16.44
C GLU B 127 -5.10 24.35 -16.50
N LEU B 128 -4.49 23.71 -15.50
CA LEU B 128 -4.47 22.26 -15.45
C LEU B 128 -5.88 21.71 -15.33
N LYS B 129 -6.68 22.28 -14.43
CA LYS B 129 -8.05 21.85 -14.20
C LYS B 129 -8.88 21.87 -15.49
N ARG B 130 -8.77 22.94 -16.26
CA ARG B 130 -9.48 23.04 -17.54
C ARG B 130 -8.91 22.01 -18.52
N LYS B 131 -7.60 21.82 -18.50
CA LYS B 131 -7.00 20.79 -19.33
C LYS B 131 -7.58 19.42 -19.00
N LEU B 132 -7.65 19.09 -17.71
CA LEU B 132 -8.16 17.80 -17.30
C LEU B 132 -9.62 17.63 -17.73
N ASN B 133 -10.34 18.75 -17.79
CA ASN B 133 -11.74 18.74 -18.17
C ASN B 133 -11.97 18.55 -19.67
N GLU B 134 -10.90 18.57 -20.45
CA GLU B 134 -10.99 18.29 -21.87
C GLU B 134 -10.90 16.79 -22.14
N LEU B 135 -10.68 16.00 -21.08
CA LEU B 135 -10.56 14.54 -21.19
C LEU B 135 -11.68 13.83 -20.44
N GLY B 136 -12.28 12.83 -21.08
CA GLY B 136 -13.32 12.04 -20.45
C GLY B 136 -12.79 11.24 -19.27
N PRO B 137 -13.67 10.58 -18.51
CA PRO B 137 -13.20 9.89 -17.31
C PRO B 137 -12.18 8.82 -17.67
N ASP B 138 -11.19 8.61 -16.82
CA ASP B 138 -10.13 7.62 -17.04
C ASP B 138 -10.69 6.20 -17.02
N PHE B 139 -10.61 5.50 -18.16
CA PHE B 139 -11.22 4.18 -18.30
C PHE B 139 -10.66 3.18 -17.28
N LEU B 140 -9.37 3.29 -16.97
CA LEU B 140 -8.71 2.40 -16.02
C LEU B 140 -9.04 2.69 -14.55
N LYS B 141 -9.07 3.98 -14.20
CA LYS B 141 -9.12 4.38 -12.79
C LYS B 141 -10.51 4.76 -12.28
N ASN B 142 -11.46 4.96 -13.18
CA ASN B 142 -12.84 5.23 -12.79
C ASN B 142 -13.71 3.97 -12.92
N ASP B 143 -14.29 3.53 -11.80
CA ASP B 143 -15.00 2.25 -11.77
C ASP B 143 -16.49 2.40 -12.07
N ASP B 144 -16.93 3.61 -12.35
CA ASP B 144 -18.34 3.84 -12.65
C ASP B 144 -18.56 4.95 -13.66
N ILE B 145 -17.95 4.78 -14.83
CA ILE B 145 -18.23 5.61 -15.98
C ILE B 145 -19.59 5.20 -16.53
N ASP B 146 -20.40 6.16 -16.95
CA ASP B 146 -21.67 5.82 -17.58
C ASP B 146 -21.45 5.58 -19.06
N ILE B 147 -21.35 4.31 -19.43
CA ILE B 147 -21.03 3.93 -20.79
C ILE B 147 -22.24 4.04 -21.73
N SER B 148 -23.42 4.32 -21.15
CA SER B 148 -24.64 4.40 -21.94
C SER B 148 -24.67 5.66 -22.80
N LYS B 149 -23.73 6.56 -22.55
CA LYS B 149 -23.57 7.76 -23.37
C LYS B 149 -23.21 7.36 -24.81
N ILE B 150 -22.67 6.15 -24.96
CA ILE B 150 -22.32 5.62 -26.28
C ILE B 150 -23.51 5.67 -27.25
N LYS B 151 -24.71 5.46 -26.72
CA LYS B 151 -25.89 5.33 -27.57
C LYS B 151 -26.33 6.62 -28.25
N LYS B 152 -25.83 7.75 -27.77
CA LYS B 152 -26.21 9.05 -28.32
C LYS B 152 -25.50 9.36 -29.65
N TYR B 153 -24.48 8.58 -29.99
CA TYR B 153 -23.63 8.89 -31.13
C TYR B 153 -23.81 7.94 -32.31
N LYS B 154 -24.13 8.49 -33.47
CA LYS B 154 -24.24 7.70 -34.68
C LYS B 154 -22.86 7.59 -35.32
N GLN B 155 -21.89 7.08 -34.59
CA GLN B 155 -20.55 6.90 -35.13
C GLN B 155 -20.00 5.51 -34.78
N PRO B 156 -19.08 5.00 -35.61
CA PRO B 156 -18.49 3.67 -35.36
C PRO B 156 -17.93 3.57 -33.95
N ILE B 157 -18.29 2.50 -33.24
CA ILE B 157 -17.85 2.32 -31.86
CA ILE B 157 -17.84 2.30 -31.87
C ILE B 157 -16.32 2.40 -31.72
N VAL B 158 -15.60 2.01 -32.77
CA VAL B 158 -14.14 2.05 -32.69
C VAL B 158 -13.66 3.50 -32.60
N ALA B 159 -14.35 4.41 -33.27
CA ALA B 159 -13.98 5.82 -33.23
C ALA B 159 -14.39 6.46 -31.90
N LEU B 160 -15.56 6.09 -31.40
CA LEU B 160 -16.03 6.58 -30.11
C LEU B 160 -15.09 6.19 -28.98
N LEU B 161 -14.53 4.99 -29.07
CA LEU B 161 -13.63 4.50 -28.04
C LEU B 161 -12.22 5.10 -28.17
N MET B 162 -11.83 5.43 -29.39
CA MET B 162 -10.52 6.02 -29.66
C MET B 162 -10.50 7.51 -29.31
N ASP B 163 -11.69 8.10 -29.24
CA ASP B 163 -11.84 9.48 -28.80
C ASP B 163 -11.50 9.60 -27.31
N GLN B 164 -10.84 10.68 -26.93
CA GLN B 164 -10.39 10.84 -25.55
C GLN B 164 -11.37 11.62 -24.67
N LYS B 165 -12.44 12.13 -25.27
CA LYS B 165 -13.38 12.98 -24.56
C LYS B 165 -14.80 12.41 -24.46
N LYS B 166 -15.32 11.88 -25.55
CA LYS B 166 -16.75 11.52 -25.62
C LYS B 166 -17.23 10.52 -24.57
N ILE B 167 -16.52 9.41 -24.42
CA ILE B 167 -16.92 8.37 -23.47
C ILE B 167 -15.91 8.25 -22.33
N GLY B 168 -14.63 8.17 -22.68
CA GLY B 168 -13.59 8.06 -21.68
C GLY B 168 -12.21 8.26 -22.27
N SER B 169 -11.20 8.38 -21.41
CA SER B 169 -9.83 8.59 -21.87
C SER B 169 -8.94 7.41 -21.54
N GLY B 170 -7.90 7.20 -22.34
CA GLY B 170 -6.94 6.14 -22.06
C GLY B 170 -6.76 5.07 -23.11
N LEU B 171 -7.80 4.85 -23.93
CA LEU B 171 -7.76 3.79 -24.94
C LEU B 171 -7.06 4.23 -26.22
N GLY B 172 -6.22 3.36 -26.76
CA GLY B 172 -5.52 3.65 -28.01
C GLY B 172 -5.70 2.52 -29.00
N ASN B 173 -4.93 2.56 -30.09
CA ASN B 173 -5.15 1.64 -31.19
C ASN B 173 -5.22 0.15 -30.83
N TYR B 174 -4.34 -0.34 -29.96
CA TYR B 174 -4.40 -1.77 -29.65
C TYR B 174 -5.38 -2.17 -28.56
N LEU B 175 -5.58 -1.32 -27.55
CA LEU B 175 -6.61 -1.61 -26.55
C LEU B 175 -8.00 -1.73 -27.16
N VAL B 176 -8.37 -0.77 -28.00
CA VAL B 176 -9.69 -0.79 -28.63
C VAL B 176 -9.92 -2.08 -29.43
N ALA B 177 -8.95 -2.45 -30.26
CA ALA B 177 -9.10 -3.64 -31.10
C ALA B 177 -9.28 -4.88 -30.25
N GLU B 178 -8.47 -5.01 -29.21
CA GLU B 178 -8.57 -6.17 -28.32
C GLU B 178 -9.92 -6.21 -27.59
N ILE B 179 -10.34 -5.05 -27.07
CA ILE B 179 -11.61 -4.92 -26.37
C ILE B 179 -12.80 -5.29 -27.25
N LEU B 180 -12.82 -4.76 -28.47
CA LEU B 180 -13.92 -5.04 -29.38
C LEU B 180 -13.95 -6.52 -29.77
N TYR B 181 -12.78 -7.14 -29.87
CA TYR B 181 -12.72 -8.57 -30.17
C TYR B 181 -13.28 -9.40 -29.02
N ARG B 182 -12.86 -9.08 -27.80
CA ARG B 182 -13.34 -9.80 -26.62
C ARG B 182 -14.84 -9.58 -26.39
N ALA B 183 -15.32 -8.39 -26.72
CA ALA B 183 -16.73 -8.05 -26.56
C ALA B 183 -17.57 -8.56 -27.74
N LYS B 184 -16.91 -9.09 -28.76
CA LYS B 184 -17.59 -9.63 -29.94
C LYS B 184 -18.39 -8.57 -30.71
N ILE B 185 -17.84 -7.37 -30.80
CA ILE B 185 -18.51 -6.28 -31.48
C ILE B 185 -17.77 -5.85 -32.73
N ASP B 186 -18.49 -5.79 -33.85
CA ASP B 186 -17.95 -5.25 -35.10
C ASP B 186 -17.63 -3.78 -34.91
N PRO B 187 -16.38 -3.38 -35.23
CA PRO B 187 -15.87 -2.01 -35.05
C PRO B 187 -16.68 -0.96 -35.80
N HIS B 188 -17.36 -1.38 -36.87
CA HIS B 188 -18.16 -0.46 -37.68
C HIS B 188 -19.49 -0.12 -37.02
N LYS B 189 -19.93 -0.95 -36.08
CA LYS B 189 -21.24 -0.77 -35.48
C LYS B 189 -21.40 0.59 -34.80
N LEU B 190 -22.42 1.33 -35.19
CA LEU B 190 -22.70 2.63 -34.62
C LEU B 190 -23.03 2.51 -33.15
N GLY B 191 -22.45 3.38 -32.32
CA GLY B 191 -22.76 3.38 -30.90
C GLY B 191 -24.26 3.49 -30.64
N SER B 192 -24.95 4.26 -31.46
CA SER B 192 -26.40 4.40 -31.35
C SER B 192 -27.18 3.14 -31.76
N ASN B 193 -26.46 2.11 -32.21
CA ASN B 193 -27.10 0.85 -32.59
C ASN B 193 -26.81 -0.30 -31.64
N LEU B 194 -25.97 -0.04 -30.65
CA LEU B 194 -25.67 -1.06 -29.66
C LEU B 194 -26.89 -1.32 -28.79
N THR B 195 -27.08 -2.56 -28.38
CA THR B 195 -28.13 -2.92 -27.44
C THR B 195 -27.62 -2.61 -26.04
N ASP B 196 -28.52 -2.59 -25.07
CA ASP B 196 -28.13 -2.38 -23.67
C ASP B 196 -27.27 -3.53 -23.15
N GLN B 197 -27.42 -4.71 -23.73
CA GLN B 197 -26.59 -5.85 -23.34
C GLN B 197 -25.18 -5.72 -23.90
N GLU B 198 -25.07 -5.31 -25.16
CA GLU B 198 -23.78 -5.02 -25.77
C GLU B 198 -23.01 -4.00 -24.94
N ILE B 199 -23.71 -2.93 -24.56
CA ILE B 199 -23.11 -1.88 -23.74
C ILE B 199 -22.56 -2.43 -22.43
N GLU B 200 -23.38 -3.18 -21.71
CA GLU B 200 -22.96 -3.77 -20.45
C GLU B 200 -21.76 -4.68 -20.67
N ASN B 201 -21.77 -5.44 -21.76
CA ASN B 201 -20.67 -6.33 -22.08
C ASN B 201 -19.40 -5.56 -22.44
N LEU B 202 -19.57 -4.51 -23.24
CA LEU B 202 -18.46 -3.65 -23.62
C LEU B 202 -17.78 -3.06 -22.37
N TRP B 203 -18.59 -2.62 -21.41
CA TRP B 203 -18.07 -2.02 -20.20
C TRP B 203 -17.24 -3.06 -19.43
N TYR B 204 -17.76 -4.27 -19.33
CA TYR B 204 -17.01 -5.35 -18.69
C TYR B 204 -15.61 -5.52 -19.31
N TRP B 205 -15.54 -5.61 -20.63
CA TRP B 205 -14.27 -5.87 -21.30
C TRP B 205 -13.31 -4.66 -21.32
N ILE B 206 -13.87 -3.46 -21.29
CA ILE B 206 -13.06 -2.26 -21.12
C ILE B 206 -12.27 -2.36 -19.81
N LYS B 207 -12.96 -2.73 -18.74
CA LYS B 207 -12.34 -2.82 -17.42
C LYS B 207 -11.35 -3.99 -17.36
N TYR B 208 -11.71 -5.10 -17.99
CA TYR B 208 -10.86 -6.28 -18.04
C TYR B 208 -9.52 -5.98 -18.71
N GLU B 209 -9.58 -5.42 -19.91
CA GLU B 209 -8.39 -5.22 -20.73
C GLU B 209 -7.49 -4.10 -20.22
N THR B 210 -8.09 -3.00 -19.74
CA THR B 210 -7.28 -1.95 -19.12
C THR B 210 -6.58 -2.45 -17.85
N LYS B 211 -7.30 -3.21 -17.04
CA LYS B 211 -6.70 -3.76 -15.81
C LYS B 211 -5.62 -4.78 -16.12
N LEU B 212 -5.88 -5.67 -17.07
CA LEU B 212 -4.89 -6.64 -17.50
C LEU B 212 -3.59 -5.96 -17.96
N ALA B 213 -3.73 -4.92 -18.79
CA ALA B 213 -2.55 -4.24 -19.33
C ALA B 213 -1.78 -3.49 -18.24
N TYR B 214 -2.53 -2.87 -17.34
CA TYR B 214 -1.97 -2.19 -16.20
C TYR B 214 -1.17 -3.18 -15.35
N ASP B 215 -1.78 -4.33 -15.07
CA ASP B 215 -1.18 -5.34 -14.22
C ASP B 215 0.05 -6.04 -14.81
N SER B 216 0.27 -5.88 -16.12
CA SER B 216 1.33 -6.62 -16.81
C SER B 216 2.73 -6.05 -16.56
N ASN B 217 3.75 -6.86 -16.84
CA ASN B 217 5.13 -6.44 -16.62
C ASN B 217 5.95 -6.36 -17.90
N HIS B 218 5.46 -6.94 -18.98
CA HIS B 218 6.15 -6.89 -20.26
C HIS B 218 5.19 -6.92 -21.46
N ILE B 219 4.66 -5.75 -21.80
CA ILE B 219 3.70 -5.61 -22.89
C ILE B 219 4.39 -5.29 -24.21
N GLY B 220 5.56 -4.67 -24.11
CA GLY B 220 6.30 -4.23 -25.29
C GLY B 220 7.05 -2.96 -24.96
N TYR B 221 6.35 -1.83 -25.02
CA TYR B 221 6.93 -0.58 -24.55
C TYR B 221 7.17 -0.73 -23.05
N MET B 222 7.72 0.31 -22.44
CA MET B 222 8.03 0.24 -21.02
C MET B 222 9.03 -0.87 -20.71
N VAL B 223 9.76 -1.32 -21.74
CA VAL B 223 10.87 -2.24 -21.54
C VAL B 223 11.92 -1.55 -20.68
N ASN B 224 11.96 -0.22 -20.80
CA ASN B 224 12.93 0.59 -20.09
C ASN B 224 12.62 0.71 -18.59
N LEU B 225 11.46 0.21 -18.16
CA LEU B 225 11.08 0.25 -16.76
C LEU B 225 10.73 -1.15 -16.21
N GLU B 226 11.05 -2.18 -16.98
CA GLU B 226 10.69 -3.55 -16.60
C GLU B 226 11.24 -3.98 -15.24
N ASN B 227 12.46 -3.54 -14.93
CA ASN B 227 13.03 -3.81 -13.62
C ASN B 227 12.09 -3.28 -12.55
N GLU B 228 11.62 -2.06 -12.78
CA GLU B 228 10.80 -1.34 -11.82
C GLU B 228 9.36 -1.84 -11.77
N SER B 229 8.82 -2.17 -12.94
CA SER B 229 7.45 -2.67 -13.05
C SER B 229 7.25 -3.92 -12.20
N SER B 230 8.25 -4.79 -12.17
CA SER B 230 8.12 -6.04 -11.43
C SER B 230 8.43 -5.87 -9.94
N LYS B 231 8.96 -4.71 -9.59
CA LYS B 231 9.29 -4.41 -8.19
C LYS B 231 8.27 -3.50 -7.52
N ILE B 232 7.28 -3.05 -8.27
CA ILE B 232 6.22 -2.22 -7.69
C ILE B 232 4.88 -2.93 -7.74
N GLY B 233 4.01 -2.60 -6.80
CA GLY B 233 2.68 -3.17 -6.77
C GLY B 233 1.78 -2.57 -7.83
N ARG B 234 0.49 -2.83 -7.70
CA ARG B 234 -0.52 -2.28 -8.60
C ARG B 234 -1.73 -1.85 -7.78
N LYS B 235 -2.23 -0.65 -8.05
CA LYS B 235 -3.42 -0.18 -7.36
C LYS B 235 -4.64 -0.99 -7.80
N ASN B 236 -5.60 -1.12 -6.88
CA ASN B 236 -6.74 -2.01 -7.08
C ASN B 236 -7.84 -1.39 -7.92
N TYR B 237 -7.49 -0.95 -9.12
CA TYR B 237 -8.49 -0.41 -10.04
C TYR B 237 -9.45 -1.52 -10.47
N HIS B 238 -10.69 -1.14 -10.81
CA HIS B 238 -11.72 -2.11 -11.12
C HIS B 238 -11.57 -3.35 -10.23
N PRO B 239 -11.90 -3.20 -8.94
CA PRO B 239 -11.65 -4.21 -7.90
C PRO B 239 -12.41 -5.52 -8.12
N ASN B 240 -13.57 -5.44 -8.74
CA ASN B 240 -14.43 -6.61 -8.90
C ASN B 240 -14.13 -7.41 -10.16
N ILE B 241 -13.21 -6.91 -10.98
CA ILE B 241 -12.83 -7.62 -12.20
C ILE B 241 -11.45 -8.26 -12.04
N HIS B 242 -11.35 -9.53 -12.43
CA HIS B 242 -10.11 -10.27 -12.22
C HIS B 242 -9.69 -11.09 -13.43
N PRO B 243 -8.84 -10.50 -14.29
CA PRO B 243 -8.34 -11.23 -15.46
C PRO B 243 -7.68 -12.55 -15.06
N THR B 244 -7.82 -13.57 -15.90
CA THR B 244 -7.26 -14.89 -15.64
C THR B 244 -5.80 -14.97 -16.07
N GLU B 245 -5.48 -14.33 -17.19
CA GLU B 245 -4.12 -14.33 -17.71
C GLU B 245 -3.21 -13.45 -16.86
N LYS B 246 -1.91 -13.71 -16.93
CA LYS B 246 -0.95 -13.01 -16.08
C LYS B 246 -0.20 -11.92 -16.85
N GLU B 247 -0.32 -11.94 -18.17
CA GLU B 247 0.33 -10.96 -19.02
C GLU B 247 -0.60 -10.57 -20.15
N PHE B 248 -0.57 -9.31 -20.56
CA PHE B 248 -1.40 -8.89 -21.67
C PHE B 248 -0.92 -9.56 -22.95
N ASP B 249 -1.83 -10.18 -23.67
CA ASP B 249 -1.49 -10.83 -24.93
C ASP B 249 -2.33 -10.26 -26.06
N PHE B 250 -1.75 -10.18 -27.25
CA PHE B 250 -2.48 -9.68 -28.41
C PHE B 250 -3.28 -10.81 -29.05
N LEU B 251 -4.59 -10.65 -29.09
CA LEU B 251 -5.44 -11.66 -29.69
C LEU B 251 -5.67 -11.38 -31.16
N VAL B 252 -5.82 -10.11 -31.51
CA VAL B 252 -6.01 -9.74 -32.91
C VAL B 252 -5.06 -8.67 -33.43
N TYR B 253 -4.60 -7.78 -32.54
CA TYR B 253 -3.78 -6.64 -32.94
C TYR B 253 -2.52 -7.10 -33.67
N ARG B 254 -2.39 -6.66 -34.92
CA ARG B 254 -1.28 -7.02 -35.79
C ARG B 254 -1.11 -8.52 -35.96
N LYS B 255 -2.21 -9.25 -35.85
CA LYS B 255 -2.22 -10.68 -36.10
C LYS B 255 -2.89 -10.97 -37.44
N LYS B 256 -2.47 -12.07 -38.07
CA LYS B 256 -3.11 -12.57 -39.29
C LYS B 256 -4.35 -13.38 -38.94
N LYS B 257 -4.31 -14.05 -37.80
CA LYS B 257 -5.41 -14.90 -37.34
C LYS B 257 -5.66 -14.73 -35.85
N ASP B 258 -6.89 -14.93 -35.41
CA ASP B 258 -7.17 -14.93 -33.97
C ASP B 258 -6.72 -16.27 -33.39
N PRO B 259 -6.85 -16.45 -32.07
CA PRO B 259 -6.32 -17.68 -31.47
C PRO B 259 -6.97 -18.95 -32.00
N ASN B 260 -8.16 -18.84 -32.59
CA ASN B 260 -8.89 -20.00 -33.10
C ASN B 260 -8.74 -20.21 -34.60
N GLY B 261 -7.81 -19.49 -35.23
CA GLY B 261 -7.58 -19.63 -36.65
C GLY B 261 -8.48 -18.78 -37.53
N ASN B 262 -9.33 -17.97 -36.92
CA ASN B 262 -10.17 -17.05 -37.68
C ASN B 262 -9.35 -15.91 -38.29
N LYS B 263 -9.58 -15.64 -39.57
CA LYS B 263 -8.88 -14.57 -40.25
C LYS B 263 -9.09 -13.19 -39.61
N VAL B 264 -8.00 -12.45 -39.45
CA VAL B 264 -8.03 -11.08 -38.95
C VAL B 264 -7.88 -10.09 -40.09
N ILE B 265 -8.81 -9.13 -40.16
CA ILE B 265 -8.75 -8.08 -41.17
C ILE B 265 -8.04 -6.86 -40.64
N ALA B 266 -7.13 -6.31 -41.45
CA ALA B 266 -6.44 -5.07 -41.11
C ALA B 266 -7.16 -3.92 -41.79
N ASP B 267 -8.13 -3.35 -41.08
CA ASP B 267 -9.08 -2.41 -41.70
C ASP B 267 -8.66 -0.96 -41.46
N LYS B 268 -8.92 -0.10 -42.43
CA LYS B 268 -8.67 1.33 -42.25
C LYS B 268 -9.98 2.11 -42.12
N ILE B 269 -10.51 2.12 -40.90
CA ILE B 269 -11.81 2.70 -40.62
C ILE B 269 -11.71 4.17 -40.24
N ILE B 270 -10.86 4.48 -39.26
CA ILE B 270 -10.76 5.82 -38.70
C ILE B 270 -9.71 6.68 -39.42
N GLY B 271 -10.01 7.97 -39.51
CA GLY B 271 -9.05 8.93 -40.01
C GLY B 271 -9.13 9.17 -41.51
N SER B 272 -8.19 9.98 -41.99
CA SER B 272 -8.18 10.46 -43.35
C SER B 272 -6.80 11.01 -43.62
N GLY B 273 -6.55 11.47 -44.85
CA GLY B 273 -5.27 12.05 -45.19
C GLY B 273 -4.13 11.19 -44.70
N LYS B 274 -3.32 11.73 -43.79
CA LYS B 274 -2.13 11.05 -43.29
C LYS B 274 -2.26 10.62 -41.83
N ASN B 275 -3.48 10.58 -41.32
CA ASN B 275 -3.71 10.17 -39.94
C ASN B 275 -4.55 8.90 -39.84
N LYS B 276 -4.65 8.16 -40.94
CA LYS B 276 -5.46 6.96 -40.99
C LYS B 276 -4.86 5.86 -40.11
N ARG B 277 -5.69 5.22 -39.27
CA ARG B 277 -5.24 4.14 -38.39
C ARG B 277 -5.76 2.77 -38.83
N THR B 278 -5.01 1.72 -38.53
CA THR B 278 -5.45 0.37 -38.84
C THR B 278 -6.22 -0.25 -37.68
N THR B 279 -7.43 -0.75 -37.95
CA THR B 279 -8.19 -1.46 -36.92
C THR B 279 -8.18 -2.94 -37.26
N TYR B 280 -7.61 -3.75 -36.38
CA TYR B 280 -7.60 -5.20 -36.58
C TYR B 280 -8.83 -5.84 -35.94
N TRP B 281 -9.51 -6.68 -36.70
CA TRP B 281 -10.67 -7.36 -36.15
C TRP B 281 -10.92 -8.68 -36.86
N ALA B 282 -11.68 -9.57 -36.21
CA ALA B 282 -12.02 -10.86 -36.77
C ALA B 282 -13.52 -10.94 -37.06
N PRO B 283 -13.90 -10.79 -38.33
CA PRO B 283 -15.32 -10.78 -38.73
C PRO B 283 -16.05 -12.03 -38.25
N ALA B 284 -15.37 -13.18 -38.25
CA ALA B 284 -16.01 -14.42 -37.82
C ALA B 284 -16.53 -14.34 -36.40
N ILE B 285 -15.89 -13.51 -35.57
CA ILE B 285 -16.22 -13.44 -34.15
C ILE B 285 -17.01 -12.19 -33.82
N GLN B 286 -16.62 -11.09 -34.41
CA GLN B 286 -17.26 -9.81 -34.12
C GLN B 286 -18.45 -9.62 -35.06
N LYS B 287 -19.65 -9.89 -34.53
CA LYS B 287 -20.88 -9.84 -35.31
C LYS B 287 -22.06 -9.41 -34.43
#